data_6RJ0
#
_entry.id   6RJ0
#
_cell.length_a   1.000
_cell.length_b   1.000
_cell.length_c   1.000
_cell.angle_alpha   90.00
_cell.angle_beta   90.00
_cell.angle_gamma   90.00
#
_symmetry.space_group_name_H-M   'P 1'
#
_entity_poly.entity_id   1
_entity_poly.type   'polypeptide(L)'
_entity_poly.pdbx_seq_one_letter_code
;VRKGNKKLAKQATTKAVNPQPRRRNNNRRRGMRADAPLAKASTITGFGRGTNDVHLTGMSRIAQAVIPAGTGTDGYIVVD
ETIVPELLPRLGFAARIFQRYAVETLEFEIQPMCPANTGGGYVAGFLPDPTDSDHTFDAIQATRGAVVAKWWESRTIRPQ
YARALLWTSVGKEQRLTSPGRLILLCVGNNTDVVNVSVLCRWSVRLSVPSLETPEDTFAPILTLGPLYNDSLAANDFKSI
LLGSTQLDIAPEGAVYSLDRPLSIDYNLGTGDVDRAVYWHVKKVAGNAGTPAGWFHWGLWDNFNKTFTQGTAYYSDAQPR
QILLPVGTLFTRADSGN
;
_entity_poly.pdbx_strand_id   A,B,C
#
# COMPACT_ATOMS: atom_id res chain seq x y z
N ASP A 53 -4.90 -12.52 -20.43
CA ASP A 53 -5.74 -11.35 -20.27
C ASP A 53 -7.16 -11.62 -20.76
N VAL A 54 -8.12 -11.68 -19.85
CA VAL A 54 -9.48 -12.09 -20.18
C VAL A 54 -10.44 -10.98 -19.79
N HIS A 55 -11.72 -11.26 -19.99
CA HIS A 55 -12.82 -10.39 -19.57
C HIS A 55 -13.99 -11.27 -19.17
N LEU A 56 -14.37 -11.25 -17.91
CA LEU A 56 -15.47 -12.07 -17.46
C LEU A 56 -16.66 -11.22 -17.06
N THR A 57 -17.86 -11.74 -17.31
CA THR A 57 -19.10 -11.13 -16.87
C THR A 57 -19.95 -12.18 -16.20
N GLY A 58 -21.05 -11.75 -15.59
CA GLY A 58 -21.96 -12.68 -14.95
C GLY A 58 -22.92 -11.94 -14.04
N MET A 59 -23.48 -12.70 -13.09
CA MET A 59 -24.41 -12.19 -12.11
C MET A 59 -24.43 -13.17 -10.96
N SER A 60 -24.34 -12.67 -9.74
CA SER A 60 -24.21 -13.61 -8.63
C SER A 60 -24.85 -13.06 -7.37
N ARG A 61 -25.52 -13.94 -6.64
CA ARG A 61 -25.97 -13.63 -5.29
C ARG A 61 -24.78 -13.45 -4.36
N ILE A 62 -24.82 -12.40 -3.56
CA ILE A 62 -23.84 -12.19 -2.50
C ILE A 62 -24.31 -12.86 -1.22
N ALA A 63 -25.50 -12.51 -0.75
CA ALA A 63 -25.94 -12.98 0.56
C ALA A 63 -27.46 -12.97 0.65
N GLN A 64 -27.95 -13.48 1.77
CA GLN A 64 -29.38 -13.69 2.01
C GLN A 64 -29.63 -13.75 3.50
N ALA A 65 -30.66 -13.04 3.97
CA ALA A 65 -31.06 -13.11 5.37
C ALA A 65 -32.57 -13.06 5.49
N VAL A 66 -33.08 -13.68 6.54
CA VAL A 66 -34.50 -13.66 6.86
C VAL A 66 -34.68 -13.01 8.23
N ILE A 67 -35.71 -12.18 8.36
CA ILE A 67 -35.91 -11.36 9.55
C ILE A 67 -37.33 -11.61 10.06
N PRO A 68 -37.51 -12.12 11.27
CA PRO A 68 -38.85 -12.30 11.82
C PRO A 68 -39.49 -10.98 12.21
N ALA A 69 -40.72 -11.06 12.69
CA ALA A 69 -41.46 -9.89 13.08
C ALA A 69 -40.97 -9.38 14.44
N GLY A 70 -40.93 -8.06 14.59
CA GLY A 70 -40.46 -7.43 15.81
C GLY A 70 -38.97 -7.21 15.85
N THR A 71 -38.20 -8.28 15.62
CA THR A 71 -36.78 -8.15 15.38
C THR A 71 -36.57 -7.44 14.05
N GLY A 72 -35.51 -6.64 13.97
CA GLY A 72 -35.29 -5.87 12.77
C GLY A 72 -35.86 -4.48 12.88
N THR A 73 -35.48 -3.77 13.93
CA THR A 73 -35.89 -2.40 14.14
C THR A 73 -34.99 -1.46 13.33
N ASP A 74 -35.08 -0.17 13.59
CA ASP A 74 -34.25 0.79 12.89
C ASP A 74 -32.78 0.64 13.27
N GLY A 75 -31.91 0.75 12.27
CA GLY A 75 -30.48 0.60 12.48
C GLY A 75 -29.99 -0.82 12.67
N TYR A 76 -30.87 -1.82 12.63
CA TYR A 76 -30.44 -3.21 12.67
C TYR A 76 -29.80 -3.55 11.34
N ILE A 77 -28.50 -3.83 11.36
CA ILE A 77 -27.76 -4.11 10.13
C ILE A 77 -28.19 -5.47 9.61
N VAL A 78 -28.81 -5.47 8.43
CA VAL A 78 -29.34 -6.71 7.88
C VAL A 78 -28.24 -7.59 7.35
N VAL A 79 -27.38 -7.05 6.51
CA VAL A 79 -26.26 -7.82 5.97
C VAL A 79 -25.10 -6.88 5.69
N ASP A 80 -23.89 -7.41 5.82
CA ASP A 80 -22.68 -6.62 5.70
C ASP A 80 -21.57 -7.59 5.27
N GLU A 81 -21.26 -7.59 3.99
CA GLU A 81 -20.23 -8.47 3.44
C GLU A 81 -19.43 -7.72 2.40
N THR A 82 -18.11 -7.89 2.46
CA THR A 82 -17.22 -7.24 1.51
C THR A 82 -17.30 -7.92 0.15
N ILE A 83 -16.73 -7.26 -0.86
CA ILE A 83 -16.68 -7.84 -2.21
C ILE A 83 -15.30 -8.46 -2.37
N VAL A 84 -15.17 -9.68 -1.86
CA VAL A 84 -13.94 -10.45 -1.97
C VAL A 84 -14.23 -11.43 -3.12
N PRO A 85 -13.24 -11.85 -3.90
CA PRO A 85 -13.51 -12.83 -4.97
C PRO A 85 -14.01 -14.19 -4.51
N GLU A 86 -13.95 -14.51 -3.21
CA GLU A 86 -14.47 -15.79 -2.75
C GLU A 86 -15.99 -15.88 -2.83
N LEU A 87 -16.70 -14.76 -2.70
CA LEU A 87 -18.16 -14.82 -2.53
C LEU A 87 -18.88 -15.03 -3.86
N LEU A 88 -18.36 -14.51 -4.94
CA LEU A 88 -18.99 -14.68 -6.24
C LEU A 88 -18.66 -16.07 -6.78
N PRO A 89 -19.65 -16.94 -7.02
CA PRO A 89 -19.32 -18.35 -7.28
C PRO A 89 -18.73 -18.62 -8.65
N ARG A 90 -19.03 -17.83 -9.68
CA ARG A 90 -18.31 -18.02 -10.94
C ARG A 90 -16.95 -17.36 -10.90
N LEU A 91 -16.79 -16.26 -10.18
CA LEU A 91 -15.49 -15.62 -10.14
C LEU A 91 -14.58 -16.26 -9.11
N GLY A 92 -15.16 -16.96 -8.13
CA GLY A 92 -14.36 -17.69 -7.17
C GLY A 92 -13.58 -18.83 -7.78
N PHE A 93 -14.11 -19.42 -8.84
CA PHE A 93 -13.37 -20.42 -9.61
C PHE A 93 -12.55 -19.80 -10.71
N ALA A 94 -12.51 -18.47 -10.81
CA ALA A 94 -11.70 -17.81 -11.81
C ALA A 94 -10.69 -16.85 -11.22
N ALA A 95 -10.85 -16.48 -9.96
CA ALA A 95 -9.76 -15.83 -9.26
C ALA A 95 -8.72 -16.82 -8.80
N ARG A 96 -9.03 -18.11 -8.81
CA ARG A 96 -8.02 -19.11 -8.47
C ARG A 96 -7.04 -19.32 -9.61
N ILE A 97 -7.36 -18.82 -10.81
CA ILE A 97 -6.39 -18.86 -11.90
C ILE A 97 -5.49 -17.64 -11.83
N PHE A 98 -6.06 -16.46 -12.09
CA PHE A 98 -5.22 -15.30 -12.34
C PHE A 98 -4.78 -14.64 -11.05
N GLN A 99 -4.01 -13.56 -11.17
CA GLN A 99 -3.42 -12.84 -10.04
C GLN A 99 -3.99 -11.45 -9.82
N ARG A 100 -4.20 -10.69 -10.87
CA ARG A 100 -4.65 -9.32 -10.73
C ARG A 100 -5.98 -9.12 -11.44
N TYR A 101 -6.90 -8.46 -10.74
CA TYR A 101 -8.17 -8.16 -11.39
C TYR A 101 -8.48 -6.69 -11.20
N ALA A 102 -9.09 -6.10 -12.22
CA ALA A 102 -9.46 -4.70 -12.23
C ALA A 102 -10.90 -4.61 -12.72
N VAL A 103 -11.79 -4.11 -11.87
CA VAL A 103 -13.22 -4.14 -12.18
C VAL A 103 -13.53 -3.04 -13.20
N GLU A 104 -14.38 -3.38 -14.18
CA GLU A 104 -14.82 -2.39 -15.15
C GLU A 104 -16.18 -1.82 -14.78
N THR A 105 -17.18 -2.67 -14.65
CA THR A 105 -18.47 -2.26 -14.15
C THR A 105 -18.84 -3.13 -12.98
N LEU A 106 -19.66 -2.58 -12.09
CA LEU A 106 -20.14 -3.33 -10.94
C LEU A 106 -21.45 -2.67 -10.51
N GLU A 107 -22.55 -3.40 -10.62
CA GLU A 107 -23.84 -2.91 -10.17
C GLU A 107 -24.50 -3.98 -9.31
N PHE A 108 -25.50 -3.54 -8.54
CA PHE A 108 -26.16 -4.37 -7.54
C PHE A 108 -27.65 -4.36 -7.76
N GLU A 109 -28.33 -5.28 -7.10
CA GLU A 109 -29.79 -5.24 -6.93
C GLU A 109 -30.06 -5.64 -5.50
N ILE A 110 -31.29 -5.44 -5.04
CA ILE A 110 -31.62 -5.82 -3.67
C ILE A 110 -32.61 -6.97 -3.64
N GLN A 111 -33.67 -6.88 -4.44
CA GLN A 111 -34.72 -7.88 -4.64
C GLN A 111 -35.33 -8.47 -3.37
N PRO A 112 -35.93 -7.70 -2.47
CA PRO A 112 -36.47 -8.29 -1.25
C PRO A 112 -37.84 -8.90 -1.52
N MET A 113 -38.26 -9.76 -0.60
CA MET A 113 -39.40 -10.66 -0.82
C MET A 113 -40.28 -10.70 0.43
N CYS A 114 -41.39 -9.98 0.40
CA CYS A 114 -42.33 -9.98 1.51
C CYS A 114 -43.69 -9.61 0.96
N PRO A 115 -44.78 -9.91 1.67
CA PRO A 115 -46.07 -9.42 1.22
C PRO A 115 -46.18 -7.91 1.40
N ALA A 116 -47.20 -7.34 0.80
CA ALA A 116 -47.38 -5.89 0.78
C ALA A 116 -48.09 -5.36 2.00
N ASN A 117 -47.95 -6.03 3.14
CA ASN A 117 -48.53 -5.57 4.39
C ASN A 117 -47.48 -5.50 5.48
N THR A 118 -46.21 -5.41 5.10
CA THR A 118 -45.15 -5.28 6.09
C THR A 118 -44.84 -3.82 6.36
N GLY A 119 -44.41 -3.09 5.34
CA GLY A 119 -44.39 -1.65 5.43
C GLY A 119 -43.23 -1.03 6.20
N GLY A 120 -42.12 -1.73 6.35
CA GLY A 120 -40.96 -1.12 6.95
C GLY A 120 -40.15 -0.37 5.92
N GLY A 121 -38.87 -0.66 5.83
CA GLY A 121 -38.06 -0.15 4.73
C GLY A 121 -36.61 -0.41 4.99
N TYR A 122 -35.79 -0.03 4.00
CA TYR A 122 -34.37 -0.29 4.08
C TYR A 122 -33.61 0.83 3.39
N VAL A 123 -32.30 0.71 3.43
CA VAL A 123 -31.38 1.62 2.74
C VAL A 123 -30.18 0.79 2.34
N ALA A 124 -29.61 1.08 1.18
CA ALA A 124 -28.53 0.28 0.66
C ALA A 124 -27.52 1.18 -0.02
N GLY A 125 -26.26 0.79 0.09
CA GLY A 125 -25.22 1.59 -0.53
C GLY A 125 -23.99 0.77 -0.79
N PHE A 126 -22.89 1.47 -0.97
CA PHE A 126 -21.62 0.84 -1.32
C PHE A 126 -20.51 1.72 -0.77
N LEU A 127 -19.66 1.16 0.09
CA LEU A 127 -18.56 1.92 0.65
C LEU A 127 -17.25 1.39 0.11
N PRO A 128 -16.47 2.17 -0.62
CA PRO A 128 -15.17 1.66 -1.10
C PRO A 128 -14.06 1.62 -0.06
N ASP A 129 -14.41 1.68 1.22
CA ASP A 129 -13.46 1.40 2.29
C ASP A 129 -13.73 -0.01 2.81
N PRO A 130 -12.92 -0.98 2.50
CA PRO A 130 -13.04 -2.30 3.12
C PRO A 130 -12.49 -2.38 4.55
N THR A 131 -12.93 -1.44 5.39
CA THR A 131 -12.56 -1.40 6.80
C THR A 131 -13.42 -2.40 7.57
N ASP A 132 -13.37 -2.34 8.90
CA ASP A 132 -14.04 -3.33 9.71
C ASP A 132 -14.81 -2.67 10.85
N SER A 133 -15.13 -1.38 10.71
CA SER A 133 -15.99 -0.75 11.72
C SER A 133 -16.80 0.35 11.03
N ASP A 134 -17.98 -0.01 10.56
CA ASP A 134 -18.93 0.94 9.95
C ASP A 134 -20.34 0.42 10.24
N HIS A 135 -20.94 0.89 11.33
CA HIS A 135 -22.28 0.47 11.73
C HIS A 135 -23.08 1.74 12.07
N THR A 136 -23.59 2.40 11.04
CA THR A 136 -24.31 3.66 11.19
C THR A 136 -25.21 3.87 9.99
N PHE A 137 -26.09 4.86 10.12
CA PHE A 137 -26.97 5.20 9.01
C PHE A 137 -26.36 6.24 8.08
N ASP A 138 -25.61 7.20 8.62
CA ASP A 138 -25.31 8.42 7.88
C ASP A 138 -24.30 8.19 6.77
N ALA A 139 -23.37 7.25 6.94
CA ALA A 139 -22.35 7.04 5.93
C ALA A 139 -22.91 6.28 4.73
N ILE A 140 -23.89 5.40 4.97
CA ILE A 140 -24.51 4.68 3.86
C ILE A 140 -25.38 5.59 3.02
N GLN A 141 -26.06 6.54 3.66
CA GLN A 141 -27.00 7.40 2.95
C GLN A 141 -26.27 8.38 2.04
N ALA A 142 -25.10 8.84 2.47
CA ALA A 142 -24.42 9.95 1.83
C ALA A 142 -23.46 9.52 0.72
N THR A 143 -23.33 8.22 0.46
CA THR A 143 -22.44 7.80 -0.61
C THR A 143 -23.06 8.05 -1.98
N ARG A 144 -22.31 7.72 -3.01
CA ARG A 144 -22.83 7.79 -4.38
C ARG A 144 -23.48 6.48 -4.76
N GLY A 145 -24.69 6.56 -5.29
CA GLY A 145 -25.44 5.37 -5.63
C GLY A 145 -26.00 4.73 -4.38
N ALA A 146 -26.85 5.46 -3.68
CA ALA A 146 -27.55 4.90 -2.53
C ALA A 146 -29.04 4.95 -2.79
N VAL A 147 -29.76 3.98 -2.24
CA VAL A 147 -31.19 3.83 -2.48
C VAL A 147 -31.92 3.71 -1.16
N VAL A 148 -33.22 3.92 -1.22
CA VAL A 148 -34.10 3.73 -0.07
C VAL A 148 -35.48 3.34 -0.62
N ALA A 149 -36.10 2.35 0.00
CA ALA A 149 -37.34 1.78 -0.52
C ALA A 149 -38.03 1.02 0.60
N LYS A 150 -39.14 0.39 0.25
CA LYS A 150 -39.90 -0.43 1.18
C LYS A 150 -39.46 -1.89 1.04
N TRP A 151 -39.91 -2.75 1.95
CA TRP A 151 -39.44 -4.13 1.91
C TRP A 151 -40.07 -4.94 0.80
N TRP A 152 -41.09 -4.42 0.13
CA TRP A 152 -41.62 -5.08 -1.06
C TRP A 152 -41.27 -4.32 -2.33
N GLU A 153 -40.29 -3.43 -2.25
CA GLU A 153 -39.90 -2.59 -3.35
C GLU A 153 -38.45 -2.90 -3.70
N SER A 154 -38.16 -3.11 -4.97
CA SER A 154 -36.83 -3.50 -5.40
C SER A 154 -36.16 -2.37 -6.16
N ARG A 155 -34.92 -2.07 -5.81
CA ARG A 155 -34.19 -0.97 -6.42
C ARG A 155 -32.90 -1.50 -7.05
N THR A 156 -32.07 -0.58 -7.50
CA THR A 156 -30.87 -0.91 -8.27
C THR A 156 -29.77 0.08 -7.95
N ILE A 157 -28.62 -0.43 -7.53
CA ILE A 157 -27.50 0.39 -7.10
C ILE A 157 -26.52 0.47 -8.26
N ARG A 158 -26.07 1.69 -8.58
CA ARG A 158 -25.04 1.90 -9.58
C ARG A 158 -23.88 2.66 -8.95
N PRO A 159 -23.00 2.00 -8.23
CA PRO A 159 -22.07 2.69 -7.32
C PRO A 159 -20.85 3.26 -8.05
N GLN A 160 -19.96 3.83 -7.24
CA GLN A 160 -18.73 4.48 -7.65
C GLN A 160 -17.57 3.61 -7.16
N TYR A 161 -17.01 2.81 -8.07
CA TYR A 161 -15.94 1.87 -7.74
C TYR A 161 -14.59 2.59 -7.72
N ALA A 162 -13.51 1.81 -7.70
CA ALA A 162 -12.18 2.36 -7.48
C ALA A 162 -11.33 2.44 -8.75
N ARG A 163 -11.59 1.58 -9.74
CA ARG A 163 -10.87 1.39 -11.01
C ARG A 163 -9.35 1.34 -10.86
N ALA A 164 -8.89 0.76 -9.76
CA ALA A 164 -7.48 0.54 -9.55
C ALA A 164 -7.14 -0.85 -10.08
N LEU A 165 -6.01 -1.40 -9.65
CA LEU A 165 -5.59 -2.74 -10.02
C LEU A 165 -5.21 -3.50 -8.75
N LEU A 166 -6.00 -4.51 -8.42
CA LEU A 166 -5.95 -5.13 -7.12
C LEU A 166 -5.23 -6.47 -7.19
N TRP A 167 -5.28 -7.23 -6.10
CA TRP A 167 -4.73 -8.57 -6.03
C TRP A 167 -5.82 -9.54 -5.62
N THR A 168 -5.71 -10.80 -6.07
CA THR A 168 -6.76 -11.77 -5.81
C THR A 168 -6.62 -12.47 -4.47
N SER A 169 -5.40 -12.81 -4.07
CA SER A 169 -5.23 -13.59 -2.86
C SER A 169 -5.43 -12.71 -1.62
N VAL A 170 -5.60 -13.38 -0.48
CA VAL A 170 -5.72 -12.66 0.78
C VAL A 170 -4.36 -12.14 1.20
N GLY A 171 -4.37 -11.11 2.04
CA GLY A 171 -3.13 -10.50 2.47
C GLY A 171 -3.32 -9.73 3.76
N LYS A 172 -2.23 -9.11 4.22
CA LYS A 172 -2.27 -8.39 5.48
C LYS A 172 -3.02 -7.07 5.36
N GLU A 173 -2.98 -6.44 4.19
CA GLU A 173 -3.72 -5.20 3.98
C GLU A 173 -4.95 -5.47 3.13
N GLN A 174 -6.10 -5.01 3.60
CA GLN A 174 -7.36 -5.31 2.96
C GLN A 174 -7.66 -4.38 1.80
N ARG A 175 -6.91 -3.27 1.69
CA ARG A 175 -7.19 -2.25 0.69
C ARG A 175 -6.68 -2.59 -0.71
N LEU A 176 -6.12 -3.77 -0.92
CA LEU A 176 -5.67 -4.19 -2.24
C LEU A 176 -6.30 -5.49 -2.70
N THR A 177 -7.38 -5.94 -2.07
CA THR A 177 -7.97 -7.21 -2.40
C THR A 177 -9.48 -7.19 -2.52
N SER A 178 -10.14 -6.11 -2.15
CA SER A 178 -11.59 -6.08 -2.18
C SER A 178 -12.05 -4.64 -2.36
N PRO A 179 -12.61 -4.30 -3.50
CA PRO A 179 -12.91 -2.89 -3.78
C PRO A 179 -14.25 -2.43 -3.25
N GLY A 180 -14.58 -2.72 -2.00
CA GLY A 180 -15.79 -2.17 -1.44
C GLY A 180 -16.51 -3.13 -0.51
N ARG A 181 -17.56 -2.62 0.12
CA ARG A 181 -18.44 -3.36 0.99
C ARG A 181 -19.88 -3.09 0.59
N LEU A 182 -20.79 -3.91 1.09
CA LEU A 182 -22.22 -3.70 0.91
C LEU A 182 -22.90 -3.78 2.27
N ILE A 183 -23.51 -2.67 2.70
CA ILE A 183 -24.17 -2.62 3.98
C ILE A 183 -25.65 -2.35 3.73
N LEU A 184 -26.51 -3.04 4.48
CA LEU A 184 -27.95 -2.97 4.30
C LEU A 184 -28.55 -2.92 5.69
N LEU A 185 -29.36 -1.90 5.98
CA LEU A 185 -29.97 -1.82 7.31
C LEU A 185 -31.40 -1.31 7.24
N CYS A 186 -32.21 -1.82 8.16
CA CYS A 186 -33.62 -1.47 8.22
C CYS A 186 -33.77 -0.05 8.76
N VAL A 187 -34.87 0.59 8.40
CA VAL A 187 -35.17 1.94 8.89
C VAL A 187 -36.52 2.04 9.58
N GLY A 188 -37.45 1.13 9.35
CA GLY A 188 -38.71 1.20 10.07
C GLY A 188 -38.79 0.13 11.15
N ASN A 189 -39.97 -0.43 11.33
CA ASN A 189 -40.14 -1.56 12.23
C ASN A 189 -41.06 -2.52 11.48
N ASN A 190 -40.53 -3.71 11.19
CA ASN A 190 -41.20 -4.71 10.36
C ASN A 190 -42.52 -5.16 10.98
N THR A 191 -43.40 -5.66 10.12
CA THR A 191 -44.65 -6.23 10.57
C THR A 191 -44.73 -7.72 10.32
N ASP A 192 -44.32 -8.17 9.14
CA ASP A 192 -44.34 -9.57 8.80
C ASP A 192 -42.94 -10.08 8.50
N VAL A 193 -42.85 -11.35 8.11
CA VAL A 193 -41.57 -11.97 7.84
C VAL A 193 -41.09 -11.54 6.47
N VAL A 194 -39.95 -10.86 6.43
CA VAL A 194 -39.38 -10.41 5.18
C VAL A 194 -38.27 -11.37 4.79
N ASN A 195 -37.76 -11.23 3.57
CA ASN A 195 -36.73 -12.14 3.06
C ASN A 195 -35.98 -11.38 1.97
N VAL A 196 -34.84 -10.87 2.32
CA VAL A 196 -34.03 -10.12 1.38
C VAL A 196 -33.07 -11.09 0.70
N SER A 197 -32.71 -10.81 -0.55
CA SER A 197 -31.72 -11.61 -1.25
C SER A 197 -30.99 -10.69 -2.22
N VAL A 198 -29.89 -10.11 -1.74
CA VAL A 198 -29.12 -9.14 -2.53
C VAL A 198 -28.42 -9.86 -3.69
N LEU A 199 -28.24 -9.15 -4.79
CA LEU A 199 -27.52 -9.66 -5.96
C LEU A 199 -26.31 -8.79 -6.26
N CYS A 200 -25.64 -9.12 -7.36
CA CYS A 200 -24.47 -8.41 -7.85
C CYS A 200 -24.40 -8.60 -9.34
N ARG A 201 -23.72 -7.67 -10.01
CA ARG A 201 -23.54 -7.74 -11.47
C ARG A 201 -22.15 -7.20 -11.77
N TRP A 202 -21.18 -8.09 -11.86
CA TRP A 202 -19.79 -7.74 -11.98
C TRP A 202 -19.27 -7.94 -13.39
N SER A 203 -18.16 -7.27 -13.69
CA SER A 203 -17.45 -7.42 -14.95
C SER A 203 -16.00 -7.02 -14.71
N VAL A 204 -15.04 -7.88 -15.08
CA VAL A 204 -13.69 -7.75 -14.59
C VAL A 204 -12.72 -8.27 -15.65
N ARG A 205 -11.43 -7.91 -15.52
CA ARG A 205 -10.42 -8.21 -16.54
C ARG A 205 -9.14 -8.80 -15.92
N LEU A 206 -9.30 -9.96 -15.27
CA LEU A 206 -8.21 -10.83 -14.78
C LEU A 206 -7.02 -10.94 -15.73
N SER A 207 -5.81 -11.00 -15.18
CA SER A 207 -4.60 -11.08 -16.00
C SER A 207 -3.49 -11.74 -15.18
N VAL A 208 -2.29 -11.84 -15.77
CA VAL A 208 -1.05 -12.46 -15.27
C VAL A 208 -1.28 -13.82 -14.61
N PRO A 209 -1.29 -14.90 -15.39
CA PRO A 209 -1.75 -16.21 -14.90
C PRO A 209 -0.90 -16.83 -13.80
N SER A 210 -1.55 -17.62 -12.94
CA SER A 210 -0.93 -18.37 -11.85
C SER A 210 -1.85 -19.54 -11.49
N LEU A 211 -1.65 -20.11 -10.30
CA LEU A 211 -2.61 -21.06 -9.74
C LEU A 211 -2.47 -21.07 -8.23
N GLU A 212 -3.44 -20.51 -7.52
CA GLU A 212 -3.43 -20.55 -6.07
C GLU A 212 -4.03 -21.84 -5.55
N THR A 213 -3.77 -22.11 -4.27
CA THR A 213 -4.39 -23.21 -3.53
C THR A 213 -4.88 -22.63 -2.22
N PRO A 214 -6.08 -22.02 -2.20
CA PRO A 214 -6.60 -21.43 -0.96
C PRO A 214 -7.07 -22.48 0.04
N ASN B 52 -17.40 14.26 -7.65
CA ASN B 52 -16.70 13.66 -8.79
C ASN B 52 -15.19 13.88 -8.65
N ASP B 53 -14.77 15.12 -8.87
CA ASP B 53 -13.35 15.46 -8.90
C ASP B 53 -13.23 16.96 -8.62
N VAL B 54 -12.41 17.33 -7.64
CA VAL B 54 -12.22 18.73 -7.28
C VAL B 54 -10.74 19.06 -7.36
N HIS B 55 -10.41 20.32 -7.08
CA HIS B 55 -9.04 20.80 -6.98
C HIS B 55 -8.99 21.90 -5.94
N LEU B 56 -8.53 21.59 -4.74
CA LEU B 56 -8.43 22.56 -3.67
C LEU B 56 -7.02 23.16 -3.61
N THR B 57 -6.95 24.38 -3.08
CA THR B 57 -5.72 25.02 -2.67
C THR B 57 -5.87 25.47 -1.22
N GLY B 58 -4.87 26.14 -0.70
CA GLY B 58 -4.97 26.66 0.65
C GLY B 58 -3.62 27.08 1.19
N MET B 59 -3.63 27.42 2.48
CA MET B 59 -2.43 27.74 3.25
C MET B 59 -2.82 27.67 4.71
N SER B 60 -2.10 26.88 5.49
CA SER B 60 -2.65 26.51 6.79
C SER B 60 -1.56 26.18 7.79
N ARG B 61 -1.84 26.44 9.06
CA ARG B 61 -0.94 26.05 10.14
C ARG B 61 -0.93 24.54 10.31
N ILE B 62 0.28 23.97 10.33
CA ILE B 62 0.43 22.57 10.70
C ILE B 62 0.56 22.46 12.21
N ALA B 63 1.60 23.08 12.78
CA ALA B 63 1.83 22.96 14.21
C ALA B 63 2.58 24.20 14.70
N GLN B 64 2.65 24.31 16.03
CA GLN B 64 3.30 25.43 16.68
C GLN B 64 3.89 24.94 17.99
N ALA B 65 5.14 25.30 18.25
CA ALA B 65 5.78 24.92 19.51
C ALA B 65 6.56 26.09 20.07
N VAL B 66 6.77 26.06 21.39
CA VAL B 66 7.48 27.10 22.12
C VAL B 66 8.57 26.44 22.95
N ILE B 67 9.73 27.09 23.04
CA ILE B 67 10.92 26.52 23.63
C ILE B 67 11.50 27.52 24.62
N PRO B 68 11.55 27.20 25.92
CA PRO B 68 12.22 28.08 26.88
C PRO B 68 13.73 28.03 26.72
N ALA B 69 14.40 28.93 27.43
CA ALA B 69 15.86 29.00 27.36
C ALA B 69 16.49 27.80 28.05
N GLY B 70 17.63 27.37 27.53
CA GLY B 70 18.35 26.21 28.05
C GLY B 70 17.99 24.92 27.37
N THR B 71 16.72 24.74 27.04
CA THR B 71 16.25 23.55 26.37
C THR B 71 16.62 23.63 24.88
N GLY B 72 16.74 22.47 24.24
CA GLY B 72 17.01 22.46 22.82
C GLY B 72 18.46 22.44 22.43
N THR B 73 19.18 21.39 22.85
CA THR B 73 20.51 21.13 22.33
C THR B 73 20.41 20.57 20.91
N ASP B 74 21.54 20.20 20.31
CA ASP B 74 21.50 19.61 18.99
C ASP B 74 20.83 18.25 19.02
N GLY B 75 19.97 17.99 18.05
CA GLY B 75 19.20 16.78 18.01
C GLY B 75 17.92 16.80 18.81
N TYR B 76 17.51 17.94 19.34
CA TYR B 76 16.26 18.05 20.09
C TYR B 76 15.10 18.25 19.12
N ILE B 77 14.19 17.28 19.08
CA ILE B 77 13.06 17.33 18.15
C ILE B 77 12.03 18.33 18.66
N VAL B 78 11.76 19.35 17.85
CA VAL B 78 10.74 20.32 18.21
C VAL B 78 9.36 19.84 17.78
N VAL B 79 9.23 19.42 16.53
CA VAL B 79 7.96 18.90 16.03
C VAL B 79 8.22 17.80 14.99
N ASP B 80 7.63 16.63 15.24
CA ASP B 80 7.71 15.50 14.31
C ASP B 80 6.29 14.96 14.15
N GLU B 81 5.63 15.35 13.06
CA GLU B 81 4.26 14.93 12.81
C GLU B 81 4.08 14.59 11.34
N THR B 82 3.40 13.49 11.06
CA THR B 82 3.13 13.05 9.71
C THR B 82 2.10 13.96 9.02
N ILE B 83 2.11 13.94 7.69
CA ILE B 83 1.15 14.76 6.92
C ILE B 83 -0.06 13.89 6.68
N VAL B 84 -0.95 13.87 7.67
CA VAL B 84 -2.22 13.15 7.60
C VAL B 84 -3.25 14.25 7.38
N PRO B 85 -4.43 13.98 6.81
CA PRO B 85 -5.46 15.02 6.73
C PRO B 85 -5.99 15.55 8.05
N GLU B 86 -5.79 14.86 9.17
CA GLU B 86 -6.26 15.36 10.46
C GLU B 86 -5.49 16.59 10.94
N LEU B 87 -4.33 16.93 10.35
CA LEU B 87 -3.58 18.07 10.86
C LEU B 87 -3.88 19.35 10.10
N LEU B 88 -4.07 19.27 8.79
CA LEU B 88 -4.42 20.46 8.04
C LEU B 88 -5.87 20.85 8.34
N PRO B 89 -6.15 22.11 8.67
CA PRO B 89 -7.54 22.48 9.01
C PRO B 89 -8.52 22.48 7.85
N ARG B 90 -8.27 23.20 6.76
CA ARG B 90 -9.26 23.23 5.69
C ARG B 90 -9.34 21.93 4.93
N LEU B 91 -8.22 21.23 4.78
CA LEU B 91 -8.33 19.92 4.18
C LEU B 91 -8.92 18.90 5.15
N GLY B 92 -8.81 19.16 6.45
CA GLY B 92 -9.38 18.26 7.44
C GLY B 92 -10.89 18.20 7.38
N PHE B 93 -11.53 19.31 7.04
CA PHE B 93 -12.97 19.30 6.81
C PHE B 93 -13.31 18.76 5.44
N ALA B 94 -12.39 18.82 4.48
CA ALA B 94 -12.70 18.37 3.14
C ALA B 94 -12.32 16.92 2.90
N ALA B 95 -11.36 16.38 3.66
CA ALA B 95 -11.08 14.97 3.57
C ALA B 95 -11.95 14.13 4.49
N ARG B 96 -12.82 14.77 5.27
CA ARG B 96 -13.89 14.03 5.92
C ARG B 96 -15.02 13.75 4.95
N ILE B 97 -15.05 14.42 3.82
CA ILE B 97 -16.00 14.08 2.78
C ILE B 97 -15.43 12.94 1.95
N PHE B 98 -14.43 13.22 1.15
CA PHE B 98 -14.00 12.31 0.11
C PHE B 98 -13.17 11.16 0.68
N GLN B 99 -12.71 10.27 -0.20
CA GLN B 99 -11.90 9.13 0.20
C GLN B 99 -10.49 9.14 -0.32
N ARG B 100 -10.29 9.51 -1.57
CA ARG B 100 -8.96 9.40 -2.16
C ARG B 100 -8.49 10.75 -2.66
N TYR B 101 -7.26 11.09 -2.28
CA TYR B 101 -6.66 12.34 -2.72
C TYR B 101 -5.29 12.05 -3.28
N ALA B 102 -4.75 13.02 -4.01
CA ALA B 102 -3.43 12.92 -4.60
C ALA B 102 -2.84 14.32 -4.66
N VAL B 103 -1.72 14.54 -3.99
CA VAL B 103 -1.17 15.89 -3.88
C VAL B 103 -0.52 16.29 -5.20
N GLU B 104 -0.84 17.49 -5.66
CA GLU B 104 -0.25 18.01 -6.90
C GLU B 104 1.01 18.79 -6.61
N THR B 105 0.90 19.86 -5.83
CA THR B 105 2.05 20.58 -5.31
C THR B 105 1.85 20.78 -3.82
N LEU B 106 2.95 20.71 -3.08
CA LEU B 106 2.89 20.82 -1.63
C LEU B 106 4.21 21.39 -1.15
N GLU B 107 4.16 22.52 -0.45
CA GLU B 107 5.35 23.23 0.01
C GLU B 107 5.15 23.71 1.43
N PHE B 108 6.26 24.00 2.11
CA PHE B 108 6.28 24.34 3.52
C PHE B 108 7.07 25.61 3.74
N GLU B 109 6.72 26.35 4.80
CA GLU B 109 7.54 27.45 5.27
C GLU B 109 7.60 27.39 6.78
N ILE B 110 8.72 27.82 7.35
CA ILE B 110 8.99 27.58 8.76
C ILE B 110 8.48 28.73 9.63
N GLN B 111 8.64 29.98 9.17
CA GLN B 111 8.20 31.22 9.82
C GLN B 111 8.52 31.35 11.32
N PRO B 112 9.77 31.28 11.76
CA PRO B 112 10.03 31.39 13.19
C PRO B 112 9.98 32.85 13.62
N MET B 113 9.72 33.03 14.91
CA MET B 113 9.48 34.36 15.48
C MET B 113 10.26 34.50 16.78
N CYS B 114 11.34 35.28 16.74
CA CYS B 114 12.18 35.50 17.90
C CYS B 114 12.93 36.80 17.68
N PRO B 115 13.44 37.44 18.74
CA PRO B 115 14.25 38.63 18.52
C PRO B 115 15.58 38.23 17.90
N ALA B 116 16.26 39.21 17.30
CA ALA B 116 17.44 38.96 16.51
C ALA B 116 18.68 38.66 17.36
N ASN B 117 18.53 38.49 18.66
CA ASN B 117 19.62 38.17 19.56
C ASN B 117 19.56 36.71 20.00
N THR B 118 18.90 35.85 19.22
CA THR B 118 18.73 34.48 19.66
C THR B 118 20.01 33.67 19.45
N GLY B 119 20.45 33.54 18.21
CA GLY B 119 21.73 32.93 17.95
C GLY B 119 21.80 31.43 18.03
N GLY B 120 20.69 30.73 17.87
CA GLY B 120 20.77 29.29 17.68
C GLY B 120 20.44 29.00 16.23
N GLY B 121 19.77 27.89 15.97
CA GLY B 121 19.33 27.62 14.61
C GLY B 121 18.50 26.36 14.57
N TYR B 122 17.99 26.08 13.37
CA TYR B 122 17.17 24.88 13.19
C TYR B 122 17.55 24.21 11.89
N VAL B 123 17.03 22.99 11.71
CA VAL B 123 17.08 22.29 10.44
C VAL B 123 15.69 21.70 10.22
N ALA B 124 15.32 21.52 8.96
CA ALA B 124 14.03 20.92 8.65
C ALA B 124 14.17 20.10 7.39
N GLY B 125 13.15 19.31 7.10
CA GLY B 125 13.19 18.50 5.91
C GLY B 125 11.85 17.85 5.66
N PHE B 126 11.88 16.82 4.82
CA PHE B 126 10.67 16.07 4.49
C PHE B 126 11.06 14.64 4.14
N LEU B 127 10.71 13.70 4.99
CA LEU B 127 11.12 12.31 4.79
C LEU B 127 9.94 11.49 4.27
N PRO B 128 9.99 10.97 3.04
CA PRO B 128 8.84 10.24 2.51
C PRO B 128 8.65 8.83 3.04
N ASP B 129 9.37 8.42 4.09
CA ASP B 129 8.96 7.29 4.89
C ASP B 129 8.11 7.79 6.05
N PRO B 130 6.85 7.49 6.11
CA PRO B 130 6.06 7.71 7.33
C PRO B 130 6.19 6.56 8.33
N THR B 131 7.44 6.21 8.65
CA THR B 131 7.73 5.23 9.69
C THR B 131 7.62 5.89 11.06
N ASP B 132 8.18 5.22 12.07
CA ASP B 132 8.13 5.71 13.43
C ASP B 132 9.55 5.83 14.01
N SER B 133 10.56 5.85 13.15
CA SER B 133 11.93 5.99 13.69
C SER B 133 12.80 6.71 12.67
N ASP B 134 12.90 8.04 12.82
CA ASP B 134 13.99 8.87 12.29
C ASP B 134 14.09 10.08 13.21
N HIS B 135 14.97 10.00 14.21
CA HIS B 135 15.15 11.10 15.16
C HIS B 135 16.65 11.40 15.25
N THR B 136 17.14 12.19 14.31
CA THR B 136 18.56 12.52 14.23
C THR B 136 18.72 13.67 13.25
N PHE B 137 19.95 14.17 13.16
CA PHE B 137 20.23 15.17 12.15
C PHE B 137 20.50 14.57 10.79
N ASP B 138 21.09 13.38 10.75
CA ASP B 138 21.66 12.88 9.51
C ASP B 138 20.63 12.30 8.57
N ALA B 139 19.47 11.91 9.07
CA ALA B 139 18.40 11.51 8.16
C ALA B 139 17.81 12.70 7.44
N ILE B 140 17.80 13.86 8.09
CA ILE B 140 17.28 15.08 7.48
C ILE B 140 18.32 15.70 6.55
N GLN B 141 19.60 15.36 6.78
CA GLN B 141 20.67 15.86 5.92
C GLN B 141 20.53 15.32 4.49
N ALA B 142 20.25 14.04 4.37
CA ALA B 142 20.25 13.32 3.11
C ALA B 142 19.16 13.75 2.15
N THR B 143 18.01 14.19 2.67
CA THR B 143 16.80 14.30 1.86
C THR B 143 16.88 15.49 0.91
N ARG B 144 15.97 15.48 -0.05
CA ARG B 144 15.95 16.50 -1.08
C ARG B 144 15.03 17.63 -0.66
N GLY B 145 15.54 18.85 -0.65
CA GLY B 145 14.76 20.00 -0.24
C GLY B 145 14.75 20.23 1.25
N ALA B 146 15.93 20.24 1.88
CA ALA B 146 16.03 20.55 3.29
C ALA B 146 16.57 21.96 3.45
N VAL B 147 16.31 22.56 4.62
CA VAL B 147 16.73 23.92 4.90
C VAL B 147 17.36 23.99 6.28
N VAL B 148 18.20 25.01 6.47
CA VAL B 148 18.85 25.29 7.75
C VAL B 148 19.18 26.77 7.82
N ALA B 149 18.79 27.42 8.91
CA ALA B 149 19.04 28.83 9.12
C ALA B 149 18.96 29.13 10.61
N LYS B 150 19.25 30.38 10.96
CA LYS B 150 19.17 30.83 12.35
C LYS B 150 17.73 31.07 12.74
N TRP B 151 17.50 31.30 14.04
CA TRP B 151 16.14 31.30 14.55
C TRP B 151 15.30 32.49 14.13
N TRP B 152 15.89 33.55 13.60
CA TRP B 152 15.08 34.67 13.16
C TRP B 152 14.72 34.62 11.69
N GLU B 153 15.15 33.59 10.98
CA GLU B 153 15.05 33.56 9.53
C GLU B 153 14.09 32.47 9.07
N SER B 154 13.22 32.81 8.13
CA SER B 154 12.29 31.85 7.55
C SER B 154 12.89 31.27 6.28
N ARG B 155 12.72 29.97 6.09
CA ARG B 155 13.17 29.32 4.86
C ARG B 155 12.03 28.49 4.30
N THR B 156 12.24 27.94 3.10
CA THR B 156 11.17 27.35 2.31
C THR B 156 11.55 25.93 1.93
N ILE B 157 10.75 24.97 2.33
CA ILE B 157 10.96 23.56 2.00
C ILE B 157 10.23 23.26 0.70
N ARG B 158 10.97 22.83 -0.31
CA ARG B 158 10.40 22.38 -1.57
C ARG B 158 10.66 20.88 -1.69
N PRO B 159 9.76 20.04 -1.19
CA PRO B 159 10.08 18.62 -1.01
C PRO B 159 9.93 17.83 -2.30
N GLN B 160 10.23 16.54 -2.19
CA GLN B 160 10.04 15.57 -3.26
C GLN B 160 9.06 14.53 -2.74
N TYR B 161 7.78 14.70 -3.08
CA TYR B 161 6.69 13.87 -2.59
C TYR B 161 6.54 12.63 -3.47
N ALA B 162 5.43 11.92 -3.32
CA ALA B 162 5.26 10.61 -3.93
C ALA B 162 4.51 10.62 -5.25
N ARG B 163 3.55 11.56 -5.41
CA ARG B 163 2.53 11.63 -6.47
C ARG B 163 1.92 10.29 -6.87
N ALA B 164 1.60 9.49 -5.86
CA ALA B 164 0.71 8.35 -6.00
C ALA B 164 -0.70 8.82 -5.67
N LEU B 165 -1.61 7.89 -5.39
CA LEU B 165 -2.99 8.23 -5.06
C LEU B 165 -3.37 7.51 -3.78
N LEU B 166 -3.62 8.27 -2.72
CA LEU B 166 -3.60 7.79 -1.35
C LEU B 166 -5.03 7.61 -0.82
N TRP B 167 -5.15 7.34 0.47
CA TRP B 167 -6.43 7.26 1.16
C TRP B 167 -6.48 8.32 2.24
N THR B 168 -7.68 8.60 2.76
CA THR B 168 -7.80 9.56 3.84
C THR B 168 -7.82 8.91 5.22
N SER B 169 -8.55 7.81 5.37
CA SER B 169 -8.76 7.24 6.69
C SER B 169 -7.54 6.47 7.14
N VAL B 170 -7.63 5.90 8.34
CA VAL B 170 -6.55 5.07 8.86
C VAL B 170 -6.65 3.68 8.26
N GLY B 171 -5.56 2.92 8.39
CA GLY B 171 -5.53 1.56 7.90
C GLY B 171 -4.39 0.82 8.56
N LYS B 172 -4.28 -0.46 8.22
CA LYS B 172 -3.22 -1.28 8.81
C LYS B 172 -1.85 -0.88 8.28
N GLU B 173 -1.77 -0.45 7.02
CA GLU B 173 -0.52 0.02 6.45
C GLU B 173 -0.48 1.54 6.49
N GLN B 174 0.68 2.07 6.88
CA GLN B 174 0.83 3.50 7.05
C GLN B 174 1.20 4.21 5.76
N ARG B 175 1.81 3.51 4.81
CA ARG B 175 2.37 4.14 3.62
C ARG B 175 1.31 4.63 2.64
N LEU B 176 0.05 4.23 2.78
CA LEU B 176 -0.98 4.59 1.83
C LEU B 176 -1.84 5.75 2.29
N THR B 177 -1.54 6.36 3.42
CA THR B 177 -2.42 7.38 3.96
C THR B 177 -1.73 8.70 4.27
N SER B 178 -0.42 8.79 4.09
CA SER B 178 0.31 10.01 4.40
C SER B 178 1.58 10.08 3.57
N PRO B 179 1.77 11.12 2.77
CA PRO B 179 2.94 11.15 1.89
C PRO B 179 4.21 11.67 2.52
N GLY B 180 4.54 11.28 3.75
CA GLY B 180 5.79 11.69 4.36
C GLY B 180 5.57 12.41 5.68
N ARG B 181 6.70 12.86 6.24
CA ARG B 181 6.73 13.47 7.56
C ARG B 181 7.47 14.80 7.47
N LEU B 182 7.08 15.74 8.33
CA LEU B 182 7.86 16.95 8.55
C LEU B 182 8.61 16.78 9.86
N ILE B 183 9.91 17.05 9.86
CA ILE B 183 10.71 17.04 11.07
C ILE B 183 11.46 18.36 11.17
N LEU B 184 11.23 19.08 12.26
CA LEU B 184 11.92 20.33 12.54
C LEU B 184 12.63 20.16 13.88
N LEU B 185 13.96 20.13 13.87
CA LEU B 185 14.69 19.95 15.10
C LEU B 185 15.80 20.98 15.22
N CYS B 186 15.99 21.45 16.45
CA CYS B 186 16.98 22.47 16.74
C CYS B 186 18.38 21.92 16.60
N VAL B 187 19.26 22.73 16.01
CA VAL B 187 20.66 22.35 15.85
C VAL B 187 21.60 23.14 16.74
N GLY B 188 21.16 24.26 17.29
CA GLY B 188 22.03 25.02 18.15
C GLY B 188 21.73 24.78 19.61
N ASN B 189 21.90 25.83 20.41
CA ASN B 189 21.55 25.78 21.83
C ASN B 189 21.14 27.20 22.19
N ASN B 190 19.84 27.48 22.11
CA ASN B 190 19.35 28.84 21.99
C ASN B 190 19.54 29.65 23.28
N THR B 191 19.38 30.96 23.14
CA THR B 191 19.59 31.91 24.23
C THR B 191 18.28 32.36 24.86
N ASP B 192 17.31 32.76 24.07
CA ASP B 192 16.03 33.26 24.54
C ASP B 192 14.89 32.39 24.03
N VAL B 193 13.68 32.74 24.44
CA VAL B 193 12.51 31.96 24.07
C VAL B 193 12.15 32.25 22.62
N VAL B 194 12.13 31.22 21.79
CA VAL B 194 11.70 31.34 20.42
C VAL B 194 10.24 30.91 20.34
N ASN B 195 9.62 31.14 19.19
CA ASN B 195 8.26 30.66 18.94
C ASN B 195 8.14 30.45 17.44
N VAL B 196 8.35 29.24 17.02
CA VAL B 196 8.29 28.88 15.60
C VAL B 196 6.87 28.52 15.27
N SER B 197 6.46 28.80 14.03
CA SER B 197 5.09 28.49 13.60
C SER B 197 5.15 28.07 12.13
N VAL B 198 5.27 26.76 11.91
CA VAL B 198 5.41 26.23 10.56
C VAL B 198 4.08 26.32 9.81
N LEU B 199 4.16 26.68 8.54
CA LEU B 199 3.00 26.75 7.65
C LEU B 199 3.07 25.63 6.62
N CYS B 200 2.06 25.58 5.76
CA CYS B 200 2.00 24.65 4.65
C CYS B 200 1.41 25.37 3.45
N ARG B 201 1.49 24.74 2.29
CA ARG B 201 0.85 25.27 1.08
C ARG B 201 0.46 24.08 0.22
N TRP B 202 -0.76 23.60 0.41
CA TRP B 202 -1.21 22.34 -0.14
C TRP B 202 -2.17 22.54 -1.30
N SER B 203 -2.04 21.69 -2.30
CA SER B 203 -2.98 21.65 -3.43
C SER B 203 -3.24 20.19 -3.77
N VAL B 204 -4.51 19.80 -3.82
CA VAL B 204 -4.86 18.39 -3.84
C VAL B 204 -6.12 18.21 -4.68
N ARG B 205 -6.42 16.96 -5.07
CA ARG B 205 -7.51 16.69 -6.02
C ARG B 205 -8.38 15.52 -5.53
N LEU B 206 -8.94 15.68 -4.33
CA LEU B 206 -9.96 14.83 -3.69
C LEU B 206 -11.05 14.29 -4.63
N SER B 207 -11.48 13.04 -4.42
CA SER B 207 -12.47 12.39 -5.28
C SER B 207 -13.11 11.24 -4.51
N VAL B 208 -14.02 10.53 -5.19
CA VAL B 208 -14.75 9.34 -4.69
C VAL B 208 -15.50 9.66 -3.40
N PRO B 209 -16.69 10.26 -3.49
CA PRO B 209 -17.39 10.78 -2.30
C PRO B 209 -17.88 9.74 -1.32
N SER B 210 -17.70 10.01 -0.03
CA SER B 210 -18.21 9.17 1.05
C SER B 210 -18.44 10.07 2.26
N LEU B 211 -18.49 9.46 3.44
CA LEU B 211 -18.54 10.22 4.69
C LEU B 211 -17.92 9.38 5.80
N GLU B 212 -16.98 9.93 6.54
CA GLU B 212 -16.38 9.26 7.67
C GLU B 212 -17.15 9.53 8.96
N THR B 213 -16.90 8.65 9.93
CA THR B 213 -17.31 8.84 11.32
C THR B 213 -16.04 8.67 12.16
N PRO B 214 -15.33 9.76 12.47
CA PRO B 214 -14.08 9.68 13.23
C PRO B 214 -14.28 9.31 14.69
N ALA C 34 30.60 47.94 3.07
CA ALA C 34 29.24 47.91 3.58
C ALA C 34 29.23 47.98 5.10
N ASP C 35 28.03 48.06 5.68
CA ASP C 35 27.85 48.32 7.11
C ASP C 35 27.51 47.03 7.84
N ALA C 36 27.22 47.14 9.14
CA ALA C 36 27.19 45.99 10.04
C ALA C 36 25.81 45.78 10.64
N PRO C 37 25.12 44.70 10.31
CA PRO C 37 23.78 44.44 10.86
C PRO C 37 23.80 43.66 12.17
N LEU C 38 22.63 43.27 12.67
CA LEU C 38 22.55 42.47 13.89
C LEU C 38 23.00 41.03 13.66
N ALA C 39 22.69 40.47 12.50
CA ALA C 39 23.12 39.11 12.19
C ALA C 39 23.07 38.91 10.69
N LYS C 40 24.16 38.40 10.15
CA LYS C 40 24.24 38.12 8.73
C LYS C 40 23.54 36.81 8.43
N ALA C 41 22.89 36.74 7.27
CA ALA C 41 22.12 35.56 6.90
C ALA C 41 23.04 34.39 6.58
N SER C 42 22.54 33.19 6.85
CA SER C 42 23.31 31.97 6.64
C SER C 42 23.46 31.67 5.16
N THR C 43 24.71 31.49 4.72
CA THR C 43 25.02 31.33 3.30
C THR C 43 25.18 29.86 2.92
N ILE C 44 24.43 28.96 3.54
CA ILE C 44 24.48 27.55 3.14
C ILE C 44 23.71 27.43 1.83
N THR C 45 24.43 27.23 0.73
CA THR C 45 23.84 27.34 -0.60
C THR C 45 23.22 26.04 -1.07
N GLY C 46 24.02 24.99 -1.22
CA GLY C 46 23.46 23.74 -1.69
C GLY C 46 23.28 22.75 -0.56
N PHE C 47 22.10 22.75 0.05
CA PHE C 47 21.89 21.89 1.20
C PHE C 47 20.78 20.91 0.84
N GLY C 48 21.07 19.62 0.97
CA GLY C 48 20.10 18.62 0.59
C GLY C 48 19.93 18.56 -0.91
N ARG C 49 21.03 18.35 -1.62
CA ARG C 49 21.05 18.24 -3.08
C ARG C 49 21.82 16.99 -3.48
N GLY C 50 21.46 15.87 -2.88
CA GLY C 50 22.15 14.62 -3.15
C GLY C 50 21.87 14.09 -4.54
N THR C 51 22.54 12.99 -4.85
CA THR C 51 22.34 12.31 -6.12
C THR C 51 20.94 11.72 -6.19
N ASN C 52 20.44 11.55 -7.40
CA ASN C 52 19.05 11.12 -7.55
C ASN C 52 18.93 9.72 -8.16
N ASP C 53 19.60 9.48 -9.28
CA ASP C 53 19.34 8.29 -10.08
C ASP C 53 20.64 7.49 -10.23
N VAL C 54 20.62 6.23 -9.82
CA VAL C 54 21.71 5.31 -10.06
C VAL C 54 21.17 4.09 -10.78
N HIS C 55 22.06 3.33 -11.42
CA HIS C 55 21.72 2.08 -12.08
C HIS C 55 22.70 1.00 -11.65
N LEU C 56 22.26 0.08 -10.81
CA LEU C 56 23.10 -1.01 -10.36
C LEU C 56 22.72 -2.28 -11.09
N THR C 57 23.73 -3.02 -11.54
CA THR C 57 23.54 -4.32 -12.18
C THR C 57 24.42 -5.34 -11.49
N GLY C 58 24.52 -6.52 -12.08
CA GLY C 58 25.44 -7.52 -11.56
C GLY C 58 24.84 -8.92 -11.66
N MET C 59 25.37 -9.80 -10.82
CA MET C 59 24.85 -11.14 -10.63
C MET C 59 25.27 -11.61 -9.25
N SER C 60 24.37 -12.28 -8.53
CA SER C 60 24.67 -12.79 -7.21
C SER C 60 23.78 -13.99 -6.96
N ARG C 61 24.25 -14.94 -6.14
CA ARG C 61 23.44 -16.11 -5.86
C ARG C 61 22.30 -15.74 -4.94
N ILE C 62 21.35 -16.66 -4.80
CA ILE C 62 20.26 -16.45 -3.86
C ILE C 62 20.42 -17.44 -2.72
N ALA C 63 20.36 -18.73 -3.02
CA ALA C 63 20.58 -19.74 -2.00
C ALA C 63 21.09 -21.01 -2.66
N GLN C 64 21.48 -21.95 -1.81
CA GLN C 64 22.12 -23.18 -2.26
C GLN C 64 21.86 -24.28 -1.25
N ALA C 65 21.51 -25.46 -1.73
CA ALA C 65 21.25 -26.59 -0.85
C ALA C 65 21.84 -27.85 -1.44
N VAL C 66 21.86 -28.90 -0.62
CA VAL C 66 22.30 -30.22 -1.03
C VAL C 66 21.29 -31.23 -0.50
N ILE C 67 21.05 -32.28 -1.26
CA ILE C 67 20.05 -33.29 -0.94
C ILE C 67 20.76 -34.65 -0.97
N PRO C 68 20.69 -35.43 0.11
CA PRO C 68 21.25 -36.80 0.06
C PRO C 68 20.43 -37.70 -0.85
N ALA C 69 21.01 -38.85 -1.15
CA ALA C 69 20.33 -39.82 -2.00
C ALA C 69 19.14 -40.43 -1.27
N GLY C 70 18.06 -40.64 -2.01
CA GLY C 70 16.83 -41.20 -1.46
C GLY C 70 15.85 -40.16 -1.00
N THR C 71 16.33 -39.12 -0.32
CA THR C 71 15.50 -37.99 0.03
C THR C 71 15.22 -37.18 -1.24
N GLY C 72 14.13 -36.42 -1.22
CA GLY C 72 13.82 -35.59 -2.37
C GLY C 72 12.89 -36.27 -3.35
N THR C 73 11.71 -36.67 -2.88
CA THR C 73 10.67 -37.17 -3.75
C THR C 73 9.98 -35.98 -4.42
N ASP C 74 8.83 -36.22 -5.05
CA ASP C 74 8.11 -35.14 -5.70
C ASP C 74 7.52 -34.19 -4.67
N GLY C 75 7.60 -32.89 -4.96
CA GLY C 75 7.06 -31.87 -4.10
C GLY C 75 7.94 -31.44 -2.96
N TYR C 76 9.13 -32.03 -2.81
CA TYR C 76 10.03 -31.63 -1.73
C TYR C 76 10.68 -30.30 -2.07
N ILE C 77 10.42 -29.29 -1.24
CA ILE C 77 10.91 -27.93 -1.49
C ILE C 77 12.42 -27.90 -1.31
N VAL C 78 13.13 -27.56 -2.38
CA VAL C 78 14.57 -27.38 -2.26
C VAL C 78 14.89 -25.99 -1.73
N VAL C 79 14.41 -24.95 -2.39
CA VAL C 79 14.67 -23.58 -1.98
C VAL C 79 13.44 -22.72 -2.23
N ASP C 80 13.06 -21.94 -1.20
CA ASP C 80 11.96 -21.01 -1.30
C ASP C 80 12.36 -19.76 -0.53
N GLU C 81 12.96 -18.79 -1.22
CA GLU C 81 13.39 -17.55 -0.59
C GLU C 81 12.98 -16.36 -1.44
N THR C 82 12.29 -15.41 -0.80
CA THR C 82 11.78 -14.21 -1.46
C THR C 82 12.92 -13.30 -1.91
N ILE C 83 12.65 -12.49 -2.93
CA ILE C 83 13.65 -11.55 -3.45
C ILE C 83 13.43 -10.24 -2.71
N VAL C 84 13.94 -10.19 -1.49
CA VAL C 84 13.99 -8.95 -0.73
C VAL C 84 15.35 -8.39 -1.11
N PRO C 85 15.60 -7.08 -1.04
CA PRO C 85 16.94 -6.56 -1.33
C PRO C 85 18.06 -7.02 -0.40
N GLU C 86 17.76 -7.67 0.73
CA GLU C 86 18.82 -8.19 1.58
C GLU C 86 19.58 -9.35 0.94
N LEU C 87 18.90 -10.25 0.23
CA LEU C 87 19.55 -11.44 -0.29
C LEU C 87 20.47 -11.13 -1.48
N LEU C 88 20.23 -10.03 -2.16
CA LEU C 88 21.22 -9.53 -3.10
C LEU C 88 22.19 -8.64 -2.34
N PRO C 89 23.45 -9.02 -2.20
CA PRO C 89 24.29 -8.39 -1.16
C PRO C 89 24.81 -7.00 -1.52
N ARG C 90 25.13 -6.73 -2.79
CA ARG C 90 25.59 -5.38 -3.12
C ARG C 90 24.43 -4.40 -3.18
N LEU C 91 23.24 -4.87 -3.49
CA LEU C 91 22.10 -3.96 -3.50
C LEU C 91 21.68 -3.60 -2.09
N GLY C 92 21.79 -4.55 -1.15
CA GLY C 92 21.35 -4.31 0.21
C GLY C 92 22.22 -3.33 0.96
N PHE C 93 23.47 -3.18 0.55
CA PHE C 93 24.32 -2.13 1.09
C PHE C 93 24.13 -0.80 0.38
N ALA C 94 23.40 -0.79 -0.74
CA ALA C 94 23.13 0.46 -1.44
C ALA C 94 21.66 0.84 -1.42
N ALA C 95 20.78 -0.06 -1.01
CA ALA C 95 19.40 0.31 -0.73
C ALA C 95 19.20 0.81 0.68
N ARG C 96 20.25 0.83 1.50
CA ARG C 96 20.13 1.48 2.79
C ARG C 96 20.28 2.99 2.67
N ILE C 97 20.70 3.46 1.50
CA ILE C 97 20.63 4.89 1.23
C ILE C 97 19.28 5.23 0.63
N PHE C 98 19.01 4.71 -0.56
CA PHE C 98 17.86 5.18 -1.32
C PHE C 98 16.57 4.57 -0.80
N GLN C 99 15.45 5.18 -1.19
CA GLN C 99 14.13 4.79 -0.71
C GLN C 99 13.43 3.82 -1.63
N ARG C 100 13.42 4.06 -2.93
CA ARG C 100 12.59 3.30 -3.84
C ARG C 100 13.41 2.69 -4.97
N TYR C 101 13.06 1.47 -5.35
CA TYR C 101 13.76 0.83 -6.45
C TYR C 101 12.73 0.21 -7.39
N ALA C 102 13.14 0.05 -8.64
CA ALA C 102 12.28 -0.49 -9.69
C ALA C 102 13.11 -1.43 -10.54
N VAL C 103 12.78 -2.71 -10.50
CA VAL C 103 13.62 -3.71 -11.16
C VAL C 103 13.38 -3.66 -12.67
N GLU C 104 14.43 -3.34 -13.42
CA GLU C 104 14.31 -3.22 -14.86
C GLU C 104 14.39 -4.58 -15.54
N THR C 105 15.48 -5.31 -15.32
CA THR C 105 15.65 -6.65 -15.86
C THR C 105 16.08 -7.59 -14.75
N LEU C 106 15.51 -8.79 -14.76
CA LEU C 106 15.76 -9.73 -13.68
C LEU C 106 15.61 -11.14 -14.25
N GLU C 107 16.71 -11.90 -14.29
CA GLU C 107 16.72 -13.26 -14.81
C GLU C 107 17.45 -14.18 -13.86
N PHE C 108 17.15 -15.47 -13.99
CA PHE C 108 17.60 -16.50 -13.06
C PHE C 108 18.28 -17.65 -13.80
N GLU C 109 19.25 -18.27 -13.15
CA GLU C 109 19.95 -19.44 -13.69
C GLU C 109 20.07 -20.49 -12.60
N ILE C 110 19.81 -21.75 -12.96
CA ILE C 110 19.61 -22.79 -11.95
C ILE C 110 20.89 -23.51 -11.61
N GLN C 111 21.61 -24.02 -12.60
CA GLN C 111 22.92 -24.69 -12.50
C GLN C 111 23.02 -25.79 -11.45
N PRO C 112 22.42 -26.96 -11.66
CA PRO C 112 22.70 -28.09 -10.80
C PRO C 112 24.08 -28.64 -11.11
N MET C 113 24.66 -29.32 -10.13
CA MET C 113 25.99 -29.89 -10.27
C MET C 113 25.94 -31.35 -9.83
N CYS C 114 25.94 -32.25 -10.81
CA CYS C 114 26.01 -33.69 -10.64
C CYS C 114 26.29 -34.30 -12.01
N PRO C 115 26.88 -35.49 -12.07
CA PRO C 115 27.07 -36.14 -13.37
C PRO C 115 25.76 -36.63 -13.96
N ALA C 116 25.84 -37.18 -15.16
CA ALA C 116 24.66 -37.63 -15.89
C ALA C 116 24.19 -39.03 -15.47
N ASN C 117 24.45 -39.44 -14.23
CA ASN C 117 23.96 -40.70 -13.70
C ASN C 117 22.96 -40.47 -12.56
N THR C 118 22.34 -39.30 -12.53
CA THR C 118 21.40 -39.00 -11.45
C THR C 118 19.98 -39.39 -11.81
N GLY C 119 19.40 -38.72 -12.79
CA GLY C 119 18.13 -39.15 -13.33
C GLY C 119 16.89 -38.75 -12.57
N GLY C 120 16.98 -37.82 -11.63
CA GLY C 120 15.77 -37.25 -11.08
C GLY C 120 15.37 -36.05 -11.91
N GLY C 121 14.91 -35.00 -11.25
CA GLY C 121 14.57 -33.81 -12.00
C GLY C 121 14.23 -32.70 -11.04
N TYR C 122 13.83 -31.56 -11.62
CA TYR C 122 13.41 -30.43 -10.83
C TYR C 122 12.42 -29.61 -11.64
N VAL C 123 11.82 -28.63 -10.98
CA VAL C 123 11.00 -27.63 -11.64
C VAL C 123 11.27 -26.29 -10.98
N ALA C 124 11.44 -25.26 -11.79
CA ALA C 124 11.74 -23.93 -11.29
C ALA C 124 10.70 -22.97 -11.80
N GLY C 125 10.41 -21.96 -10.99
CA GLY C 125 9.46 -20.95 -11.43
C GLY C 125 9.73 -19.64 -10.74
N PHE C 126 8.75 -18.75 -10.84
CA PHE C 126 8.84 -17.45 -10.19
C PHE C 126 7.43 -16.97 -9.94
N LEU C 127 7.07 -16.79 -8.68
CA LEU C 127 5.70 -16.43 -8.34
C LEU C 127 5.66 -15.01 -7.80
N PRO C 128 4.98 -14.08 -8.46
CA PRO C 128 5.00 -12.68 -8.01
C PRO C 128 4.13 -12.38 -6.79
N ASP C 129 3.61 -13.41 -6.14
CA ASP C 129 3.08 -13.25 -4.79
C ASP C 129 4.20 -13.48 -3.80
N PRO C 130 4.53 -12.55 -2.96
CA PRO C 130 5.32 -12.84 -1.76
C PRO C 130 4.47 -13.31 -0.58
N THR C 131 3.53 -14.21 -0.85
CA THR C 131 2.72 -14.86 0.17
C THR C 131 3.48 -16.06 0.72
N ASP C 132 2.76 -16.99 1.33
CA ASP C 132 3.43 -18.05 2.08
C ASP C 132 2.72 -19.39 1.92
N SER C 133 1.99 -19.59 0.81
CA SER C 133 1.42 -20.93 0.58
C SER C 133 1.29 -21.17 -0.93
N ASP C 134 2.35 -21.74 -1.53
CA ASP C 134 2.30 -22.37 -2.86
C ASP C 134 3.38 -23.45 -2.86
N HIS C 135 2.98 -24.68 -2.53
CA HIS C 135 3.92 -25.80 -2.46
C HIS C 135 3.30 -26.97 -3.20
N THR C 136 3.40 -26.94 -4.53
CA THR C 136 2.95 -28.04 -5.38
C THR C 136 3.55 -27.84 -6.76
N PHE C 137 3.56 -28.91 -7.55
CA PHE C 137 4.04 -28.82 -8.91
C PHE C 137 3.10 -28.01 -9.79
N ASP C 138 1.81 -28.03 -9.51
CA ASP C 138 0.84 -27.42 -10.42
C ASP C 138 0.88 -25.91 -10.36
N ALA C 139 1.27 -25.34 -9.23
CA ALA C 139 1.35 -23.89 -9.13
C ALA C 139 2.57 -23.36 -9.84
N ILE C 140 3.68 -24.09 -9.77
CA ILE C 140 4.93 -23.60 -10.32
C ILE C 140 4.96 -23.75 -11.84
N GLN C 141 4.41 -24.84 -12.36
CA GLN C 141 4.40 -25.06 -13.81
C GLN C 141 3.49 -24.05 -14.50
N ALA C 142 2.48 -23.56 -13.80
CA ALA C 142 1.46 -22.69 -14.37
C ALA C 142 1.97 -21.30 -14.68
N THR C 143 2.98 -20.80 -13.98
CA THR C 143 3.39 -19.42 -14.17
C THR C 143 4.12 -19.23 -15.50
N ARG C 144 4.37 -17.97 -15.83
CA ARG C 144 5.00 -17.65 -17.09
C ARG C 144 6.52 -17.71 -16.96
N GLY C 145 7.14 -18.50 -17.82
CA GLY C 145 8.58 -18.63 -17.82
C GLY C 145 9.08 -19.60 -16.76
N ALA C 146 8.42 -20.73 -16.62
CA ALA C 146 8.85 -21.76 -15.69
C ALA C 146 9.49 -22.90 -16.47
N VAL C 147 10.48 -23.54 -15.86
CA VAL C 147 11.26 -24.57 -16.53
C VAL C 147 11.24 -25.86 -15.74
N VAL C 148 11.52 -26.96 -16.44
CA VAL C 148 11.59 -28.29 -15.86
C VAL C 148 12.61 -29.10 -16.65
N ALA C 149 13.54 -29.75 -15.93
CA ALA C 149 14.63 -30.48 -16.56
C ALA C 149 15.21 -31.46 -15.55
N LYS C 150 16.08 -32.34 -16.05
CA LYS C 150 16.76 -33.35 -15.26
C LYS C 150 17.86 -32.70 -14.41
N TRP C 151 18.45 -33.49 -13.50
CA TRP C 151 19.45 -32.90 -12.61
C TRP C 151 20.78 -32.65 -13.27
N TRP C 152 21.03 -33.19 -14.45
CA TRP C 152 22.29 -32.94 -15.12
C TRP C 152 22.17 -31.87 -16.18
N GLU C 153 21.15 -31.03 -16.09
CA GLU C 153 20.89 -30.02 -17.09
C GLU C 153 20.44 -28.73 -16.40
N SER C 154 20.94 -27.60 -16.89
CA SER C 154 20.67 -26.30 -16.31
C SER C 154 19.83 -25.46 -17.26
N ARG C 155 18.84 -24.74 -16.71
CA ARG C 155 17.93 -23.95 -17.54
C ARG C 155 17.97 -22.50 -17.07
N THR C 156 17.08 -21.68 -17.65
CA THR C 156 17.11 -20.24 -17.47
C THR C 156 15.69 -19.71 -17.40
N ILE C 157 15.40 -18.89 -16.39
CA ILE C 157 14.07 -18.34 -16.16
C ILE C 157 14.03 -16.91 -16.66
N ARG C 158 13.07 -16.60 -17.53
CA ARG C 158 12.79 -15.23 -17.96
C ARG C 158 11.41 -14.85 -17.43
N PRO C 159 11.31 -14.38 -16.21
CA PRO C 159 10.02 -14.38 -15.50
C PRO C 159 9.14 -13.20 -15.88
N GLN C 160 8.01 -13.12 -15.18
CA GLN C 160 6.98 -12.08 -15.35
C GLN C 160 6.97 -11.28 -14.05
N TYR C 161 7.87 -10.31 -13.94
CA TYR C 161 8.01 -9.55 -12.71
C TYR C 161 7.00 -8.42 -12.69
N ALA C 162 6.98 -7.66 -11.60
CA ALA C 162 5.87 -6.75 -11.31
C ALA C 162 6.01 -5.39 -11.95
N ARG C 163 7.22 -5.00 -12.36
CA ARG C 163 7.63 -3.79 -13.08
C ARG C 163 7.07 -2.48 -12.49
N ALA C 164 6.72 -2.48 -11.22
CA ALA C 164 6.21 -1.31 -10.54
C ALA C 164 7.37 -0.58 -9.88
N LEU C 165 7.06 0.29 -8.92
CA LEU C 165 8.08 1.06 -8.21
C LEU C 165 7.86 0.89 -6.71
N LEU C 166 8.71 0.09 -6.08
CA LEU C 166 8.48 -0.46 -4.75
C LEU C 166 9.18 0.39 -3.69
N TRP C 167 9.18 -0.10 -2.45
CA TRP C 167 9.87 0.52 -1.33
C TRP C 167 11.05 -0.37 -0.92
N THR C 168 11.91 0.15 -0.05
CA THR C 168 13.05 -0.65 0.41
C THR C 168 12.90 -1.13 1.85
N SER C 169 12.39 -0.30 2.75
CA SER C 169 12.33 -0.72 4.14
C SER C 169 11.14 -1.62 4.37
N VAL C 170 11.19 -2.37 5.47
CA VAL C 170 10.12 -3.31 5.79
C VAL C 170 8.92 -2.57 6.36
N GLY C 171 7.80 -3.25 6.38
CA GLY C 171 6.57 -2.70 6.90
C GLY C 171 5.58 -3.82 7.16
N LYS C 172 4.32 -3.42 7.36
CA LYS C 172 3.29 -4.42 7.64
C LYS C 172 2.95 -5.24 6.40
N GLU C 173 2.83 -4.59 5.25
CA GLU C 173 2.42 -5.29 4.04
C GLU C 173 3.63 -5.69 3.21
N GLN C 174 3.63 -6.94 2.75
CA GLN C 174 4.76 -7.50 2.03
C GLN C 174 4.71 -7.16 0.54
N ARG C 175 3.54 -6.87 0.00
CA ARG C 175 3.37 -6.70 -1.44
C ARG C 175 3.95 -5.40 -1.99
N LEU C 176 4.56 -4.56 -1.16
CA LEU C 176 5.16 -3.32 -1.63
C LEU C 176 6.69 -3.31 -1.51
N THR C 177 7.30 -4.40 -1.10
CA THR C 177 8.72 -4.39 -0.80
C THR C 177 9.49 -5.56 -1.38
N SER C 178 8.84 -6.48 -2.09
CA SER C 178 9.55 -7.61 -2.68
C SER C 178 8.84 -8.08 -3.93
N PRO C 179 9.53 -8.16 -5.05
CA PRO C 179 8.86 -8.54 -6.30
C PRO C 179 8.72 -10.02 -6.53
N GLY C 180 8.34 -10.81 -5.52
CA GLY C 180 8.00 -12.20 -5.74
C GLY C 180 8.97 -13.14 -5.07
N ARG C 181 8.73 -14.43 -5.27
CA ARG C 181 9.50 -15.50 -4.66
C ARG C 181 10.06 -16.39 -5.75
N LEU C 182 11.16 -17.07 -5.44
CA LEU C 182 11.66 -18.17 -6.24
C LEU C 182 11.33 -19.45 -5.51
N ILE C 183 10.64 -20.37 -6.19
CA ILE C 183 10.37 -21.69 -5.63
C ILE C 183 10.94 -22.74 -6.58
N LEU C 184 11.73 -23.65 -6.04
CA LEU C 184 12.37 -24.73 -6.78
C LEU C 184 12.13 -26.02 -6.01
N LEU C 185 11.52 -27.02 -6.65
CA LEU C 185 11.29 -28.27 -5.96
C LEU C 185 11.50 -29.46 -6.89
N CYS C 186 11.90 -30.57 -6.28
CA CYS C 186 12.20 -31.78 -7.03
C CYS C 186 10.93 -32.48 -7.47
N VAL C 187 11.04 -33.22 -8.57
CA VAL C 187 9.89 -33.91 -9.15
C VAL C 187 10.08 -35.41 -9.25
N GLY C 188 11.31 -35.90 -9.22
CA GLY C 188 11.51 -37.33 -9.30
C GLY C 188 12.05 -37.91 -8.01
N ASN C 189 12.79 -39.01 -8.12
CA ASN C 189 13.45 -39.62 -6.98
C ASN C 189 14.90 -39.81 -7.38
N ASN C 190 15.76 -38.87 -6.99
CA ASN C 190 17.14 -38.85 -7.46
C ASN C 190 17.93 -40.04 -6.92
N THR C 191 18.94 -40.45 -7.69
CA THR C 191 19.69 -41.65 -7.39
C THR C 191 20.95 -41.37 -6.59
N ASP C 192 21.75 -40.39 -7.00
CA ASP C 192 22.92 -39.97 -6.26
C ASP C 192 22.68 -38.59 -5.65
N VAL C 193 23.71 -38.06 -4.99
CA VAL C 193 23.60 -36.77 -4.32
C VAL C 193 23.58 -35.67 -5.37
N VAL C 194 22.53 -34.86 -5.35
CA VAL C 194 22.42 -33.72 -6.23
C VAL C 194 22.97 -32.49 -5.49
N ASN C 195 23.25 -31.44 -6.26
CA ASN C 195 23.79 -30.23 -5.65
C ASN C 195 23.46 -29.07 -6.58
N VAL C 196 22.43 -28.33 -6.23
CA VAL C 196 21.92 -27.22 -7.04
C VAL C 196 22.45 -25.93 -6.46
N SER C 197 22.59 -24.90 -7.30
CA SER C 197 23.07 -23.59 -6.84
C SER C 197 22.43 -22.53 -7.73
N VAL C 198 21.28 -22.00 -7.30
CA VAL C 198 20.54 -21.05 -8.11
C VAL C 198 21.23 -19.68 -8.04
N LEU C 199 21.11 -18.91 -9.13
CA LEU C 199 21.68 -17.57 -9.21
C LEU C 199 20.63 -16.55 -9.63
N CYS C 200 21.08 -15.32 -9.88
CA CYS C 200 20.20 -14.17 -10.09
C CYS C 200 20.92 -13.06 -10.80
N ARG C 201 20.39 -12.63 -11.94
CA ARG C 201 20.98 -11.52 -12.70
C ARG C 201 20.01 -10.35 -12.59
N TRP C 202 20.34 -9.37 -11.76
CA TRP C 202 19.45 -8.26 -11.47
C TRP C 202 19.97 -6.96 -12.06
N SER C 203 19.06 -6.02 -12.25
CA SER C 203 19.40 -4.66 -12.67
C SER C 203 18.30 -3.74 -12.15
N VAL C 204 18.67 -2.60 -11.57
CA VAL C 204 17.74 -1.83 -10.75
C VAL C 204 18.10 -0.34 -10.83
N ARG C 205 17.14 0.52 -10.45
CA ARG C 205 17.28 1.98 -10.57
C ARG C 205 16.81 2.71 -9.29
N LEU C 206 17.45 2.36 -8.16
CA LEU C 206 17.33 3.04 -6.87
C LEU C 206 17.30 4.57 -6.99
N SER C 207 16.42 5.20 -6.20
CA SER C 207 16.25 6.66 -6.27
C SER C 207 15.66 7.16 -4.95
N VAL C 208 15.42 8.48 -4.90
CA VAL C 208 14.82 9.21 -3.77
C VAL C 208 15.67 9.04 -2.51
N PRO C 209 16.77 9.78 -2.38
CA PRO C 209 17.79 9.48 -1.36
C PRO C 209 17.34 9.73 0.06
N SER C 210 17.87 8.92 0.97
CA SER C 210 17.63 8.97 2.42
C SER C 210 18.77 8.27 3.13
N LEU C 211 18.58 7.90 4.40
CA LEU C 211 19.35 6.82 5.00
C LEU C 211 18.54 6.25 6.16
N GLU C 212 18.41 4.92 6.20
CA GLU C 212 17.66 4.29 7.27
C GLU C 212 18.60 3.61 8.27
N THR C 213 17.99 2.91 9.21
CA THR C 213 18.67 2.02 10.16
C THR C 213 18.00 0.66 10.06
N PRO C 214 18.73 -0.38 9.61
CA PRO C 214 18.13 -1.71 9.47
C PRO C 214 17.81 -2.38 10.82
#